data_8A8G
#
_entry.id   8A8G
#
_cell.length_a   55.705
_cell.length_b   154.457
_cell.length_c   157.575
_cell.angle_alpha   90.000
_cell.angle_beta   90.000
_cell.angle_gamma   90.000
#
_symmetry.space_group_name_H-M   'I 2 2 2'
#
loop_
_entity.id
_entity.type
_entity.pdbx_description
1 polymer 'ATP sulfurylase from Methanothermococcus thermolithotrophicus'
2 non-polymer GLYCEROL
3 non-polymer 'ZINC ION'
4 water water
#
_entity_poly.entity_id   1
_entity_poly.type   'polypeptide(L)'
_entity_poly.pdbx_seq_one_letter_code
;GSHMVSKPHGGKLVNRVATEKTKEKILEEQNEFSKVQIREGTAIDLENIAHGVYSPLTGFLRKDEFQSVLDNMRLPNELP
WSIPIVLDVTEKEKNFGEGDVILLYYNDTPIAKMQVDEIYTYDKKEFAKKVFKTDEEAHPGVAKTYALGEYLVGGEIELL
NEVPNPFKSHTLRPVETRALFKEKGWETIVAFQTRNVPHLGHEYLQKLALTFVDGVFVNPVIGKKKKGDYKDEVILKAYE
TLFEHYYPKDTDILATVRYEMRYAGPREAIHHAIMRKNFGCTHFIVGRDHAGVGDYYGPYEAQEIFQNFPDLEISPIFFR
EFYYCKKCNAIVHDRICPHTSEYREHFSGTKIRNMIVNGELPPEYFMRKEVYETIRSFENPFVDE
;
_entity_poly.pdbx_strand_id   A
#
# COMPACT_ATOMS: atom_id res chain seq x y z
N MET A 4 16.79 5.61 16.68
CA MET A 4 17.33 5.02 15.40
C MET A 4 17.11 6.00 14.24
N VAL A 5 17.63 5.64 13.07
CA VAL A 5 17.48 6.46 11.84
C VAL A 5 16.92 5.56 10.74
N SER A 6 15.96 6.05 9.96
CA SER A 6 15.36 5.22 8.88
C SER A 6 16.16 5.41 7.59
N LYS A 7 16.69 4.31 7.06
CA LYS A 7 17.49 4.35 5.80
C LYS A 7 16.64 3.74 4.70
N PRO A 8 16.61 4.31 3.48
CA PRO A 8 15.79 3.76 2.39
C PRO A 8 16.22 2.32 2.05
N HIS A 9 15.24 1.47 1.76
CA HIS A 9 15.51 0.05 1.41
C HIS A 9 16.57 -0.02 0.32
N GLY A 10 17.70 -0.68 0.60
CA GLY A 10 18.78 -0.77 -0.35
C GLY A 10 19.84 0.31 -0.22
N GLY A 11 19.64 1.31 0.64
CA GLY A 11 20.62 2.31 0.94
C GLY A 11 20.24 3.69 0.45
N LYS A 12 19.49 3.79 -0.64
CA LYS A 12 19.30 5.06 -1.30
C LYS A 12 17.93 5.11 -1.96
N LEU A 13 17.33 6.29 -1.92
CA LEU A 13 16.02 6.53 -2.48
C LEU A 13 16.14 6.68 -3.99
N VAL A 14 15.40 5.84 -4.72
CA VAL A 14 15.37 5.89 -6.18
C VAL A 14 14.60 7.11 -6.67
N ASN A 15 15.15 7.76 -7.70
CA ASN A 15 14.46 8.79 -8.46
C ASN A 15 14.57 8.45 -9.94
N ARG A 16 13.47 8.06 -10.57
CA ARG A 16 13.48 7.77 -12.00
C ARG A 16 12.56 8.73 -12.77
N VAL A 17 12.41 9.95 -12.31
CA VAL A 17 11.64 10.91 -13.07
C VAL A 17 12.49 11.46 -14.20
N ALA A 18 11.86 11.66 -15.37
CA ALA A 18 12.58 12.07 -16.58
C ALA A 18 12.85 13.56 -16.54
N THR A 19 14.02 13.95 -17.06
CA THR A 19 14.33 15.36 -17.20
C THR A 19 13.34 15.98 -18.16
N GLU A 20 13.20 17.31 -18.07
CA GLU A 20 12.27 18.05 -18.96
C GLU A 20 12.78 17.92 -20.41
N LYS A 21 14.08 17.67 -20.56
CA LYS A 21 14.69 17.50 -21.91
C LYS A 21 14.28 16.15 -22.47
N THR A 22 14.16 15.13 -21.63
CA THR A 22 13.76 13.79 -22.09
C THR A 22 12.28 13.76 -22.44
N LYS A 23 11.43 14.37 -21.61
CA LYS A 23 10.00 14.36 -21.86
C LYS A 23 9.67 15.16 -23.10
N GLU A 24 10.42 16.23 -23.33
CA GLU A 24 10.25 17.06 -24.52
C GLU A 24 10.51 16.26 -25.78
N LYS A 25 11.69 15.66 -25.89
CA LYS A 25 12.05 14.97 -27.12
C LYS A 25 11.19 13.72 -27.32
N ILE A 26 10.98 12.93 -26.24
CA ILE A 26 10.17 11.71 -26.37
C ILE A 26 8.88 12.02 -27.11
N LEU A 27 8.16 13.06 -26.68
CA LEU A 27 6.85 13.31 -27.27
C LEU A 27 6.98 13.90 -28.67
N GLU A 28 8.11 14.53 -29.01
CA GLU A 28 8.32 14.93 -30.40
C GLU A 28 8.62 13.71 -31.27
N GLU A 29 9.37 12.73 -30.74
CA GLU A 29 9.79 11.57 -31.49
C GLU A 29 8.99 10.31 -31.14
N GLN A 30 7.77 10.47 -30.63
CA GLN A 30 7.05 9.32 -30.10
C GLN A 30 6.71 8.30 -31.19
N ASN A 31 6.57 8.75 -32.43
CA ASN A 31 6.20 7.81 -33.48
C ASN A 31 7.29 6.81 -33.82
N GLU A 32 8.50 7.02 -33.32
CA GLU A 32 9.60 6.10 -33.57
C GLU A 32 9.88 5.20 -32.39
N PHE A 33 8.92 5.13 -31.46
CA PHE A 33 9.04 4.25 -30.28
C PHE A 33 7.83 3.30 -30.23
N SER A 34 8.07 2.00 -30.07
CA SER A 34 7.00 1.06 -29.87
C SER A 34 6.18 1.45 -28.65
N LYS A 35 4.87 1.37 -28.77
CA LYS A 35 3.97 1.64 -27.66
C LYS A 35 3.40 0.33 -27.13
N VAL A 36 3.36 0.20 -25.80
CA VAL A 36 2.77 -0.93 -25.10
C VAL A 36 1.72 -0.41 -24.14
N GLN A 37 0.50 -0.96 -24.20
CA GLN A 37 -0.55 -0.53 -23.28
C GLN A 37 -0.37 -1.21 -21.94
N ILE A 38 -0.56 -0.46 -20.87
CA ILE A 38 -0.50 -1.00 -19.52
C ILE A 38 -1.82 -0.74 -18.82
N ARG A 39 -2.08 -1.54 -17.79
CA ARG A 39 -3.23 -1.36 -16.91
C ARG A 39 -2.97 -0.20 -15.95
N GLU A 40 -4.05 0.27 -15.31
CA GLU A 40 -3.88 1.36 -14.35
C GLU A 40 -3.00 0.94 -13.17
N GLY A 41 -3.19 -0.27 -12.66
CA GLY A 41 -2.35 -0.72 -11.57
C GLY A 41 -0.89 -0.59 -11.90
N THR A 42 -0.52 -0.87 -13.16
CA THR A 42 0.87 -0.78 -13.58
C THR A 42 1.35 0.67 -13.66
N ALA A 43 0.50 1.57 -14.13
CA ALA A 43 0.91 2.97 -14.20
C ALA A 43 1.18 3.51 -12.80
N ILE A 44 0.42 3.03 -11.81
CA ILE A 44 0.68 3.40 -10.42
C ILE A 44 2.01 2.80 -9.96
N ASP A 45 2.23 1.50 -10.22
CA ASP A 45 3.52 0.89 -9.92
C ASP A 45 4.66 1.74 -10.46
N LEU A 46 4.46 2.33 -11.65
CA LEU A 46 5.53 3.09 -12.28
C LEU A 46 5.77 4.41 -11.55
N GLU A 47 4.73 5.04 -10.99
CA GLU A 47 5.01 6.24 -10.21
C GLU A 47 5.66 5.89 -8.89
N ASN A 48 5.30 4.76 -8.29
CA ASN A 48 5.97 4.33 -7.08
C ASN A 48 7.42 3.96 -7.36
N ILE A 49 7.73 3.41 -8.51
CA ILE A 49 9.14 3.20 -8.81
C ILE A 49 9.85 4.53 -8.93
N ALA A 50 9.28 5.44 -9.74
CA ALA A 50 9.98 6.68 -10.05
C ALA A 50 10.23 7.51 -8.80
N HIS A 51 9.29 7.51 -7.87
CA HIS A 51 9.38 8.35 -6.69
C HIS A 51 10.02 7.62 -5.52
N GLY A 52 10.54 6.43 -5.75
CA GLY A 52 11.37 5.78 -4.76
C GLY A 52 10.60 5.03 -3.72
N VAL A 53 9.28 4.91 -3.90
CA VAL A 53 8.47 4.13 -2.99
C VAL A 53 8.86 2.67 -3.04
N TYR A 54 9.39 2.22 -4.18
CA TYR A 54 9.82 0.84 -4.38
C TYR A 54 11.34 0.68 -4.38
N SER A 55 12.07 1.62 -3.79
CA SER A 55 13.51 1.49 -3.70
C SER A 55 13.88 0.08 -3.21
N PRO A 56 14.90 -0.57 -3.80
CA PRO A 56 15.84 -0.08 -4.81
C PRO A 56 15.45 -0.34 -6.25
N LEU A 57 14.20 -0.72 -6.50
CA LEU A 57 13.80 -0.98 -7.88
C LEU A 57 13.93 0.29 -8.70
N THR A 58 14.40 0.14 -9.93
CA THR A 58 14.46 1.22 -10.89
C THR A 58 13.66 0.91 -12.13
N GLY A 59 12.94 -0.21 -12.15
CA GLY A 59 12.01 -0.54 -13.19
C GLY A 59 11.41 -1.90 -12.89
N PHE A 60 11.05 -2.66 -13.91
CA PHE A 60 10.42 -3.94 -13.72
C PHE A 60 11.47 -5.04 -13.62
N LEU A 61 11.11 -6.09 -12.89
CA LEU A 61 12.11 -7.11 -12.57
C LEU A 61 12.51 -7.93 -13.78
N ARG A 62 13.79 -8.27 -13.82
CA ARG A 62 14.31 -9.22 -14.80
C ARG A 62 14.20 -10.64 -14.28
N LYS A 63 14.61 -11.60 -15.11
CA LYS A 63 14.23 -12.99 -14.89
C LYS A 63 14.80 -13.52 -13.58
N ASP A 64 16.11 -13.36 -13.37
N ASP A 64 16.11 -13.31 -13.39
CA ASP A 64 16.75 -13.86 -12.16
CA ASP A 64 16.82 -13.80 -12.17
C ASP A 64 16.15 -13.24 -10.91
C ASP A 64 16.21 -13.21 -10.90
N GLU A 65 15.74 -11.96 -10.97
CA GLU A 65 15.16 -11.29 -9.81
C GLU A 65 13.77 -11.79 -9.52
N PHE A 66 12.97 -11.95 -10.57
CA PHE A 66 11.63 -12.50 -10.44
C PHE A 66 11.69 -13.88 -9.78
N GLN A 67 12.54 -14.78 -10.31
CA GLN A 67 12.64 -16.09 -9.71
C GLN A 67 13.06 -16.00 -8.24
N SER A 68 14.02 -15.13 -7.94
CA SER A 68 14.45 -14.94 -6.56
C SER A 68 13.31 -14.46 -5.67
N VAL A 69 12.49 -13.54 -6.18
CA VAL A 69 11.41 -13.02 -5.36
C VAL A 69 10.39 -14.10 -5.09
N LEU A 70 10.06 -14.90 -6.10
CA LEU A 70 9.13 -16.01 -5.91
C LEU A 70 9.64 -17.01 -4.88
N ASP A 71 10.91 -17.39 -4.98
CA ASP A 71 11.42 -18.51 -4.17
C ASP A 71 11.84 -18.06 -2.78
N ASN A 72 12.35 -16.83 -2.62
CA ASN A 72 12.97 -16.43 -1.37
C ASN A 72 12.41 -15.15 -0.79
N MET A 73 11.59 -14.46 -1.57
CA MET A 73 11.04 -13.11 -1.24
C MET A 73 12.23 -12.15 -1.06
N ARG A 74 13.36 -12.48 -1.70
CA ARG A 74 14.56 -11.67 -1.67
C ARG A 74 15.05 -11.48 -3.08
N LEU A 75 15.76 -10.37 -3.28
CA LEU A 75 16.42 -10.11 -4.53
C LEU A 75 17.66 -11.00 -4.60
N PRO A 76 18.29 -11.12 -5.77
CA PRO A 76 19.46 -11.98 -5.87
C PRO A 76 20.55 -11.63 -4.88
N ASN A 77 20.72 -10.36 -4.59
CA ASN A 77 21.75 -9.94 -3.64
C ASN A 77 21.34 -10.14 -2.19
N GLU A 78 20.20 -10.77 -1.94
CA GLU A 78 19.65 -11.18 -0.65
C GLU A 78 18.83 -10.08 0.02
N LEU A 79 18.65 -8.93 -0.62
CA LEU A 79 17.84 -7.88 -0.01
C LEU A 79 16.37 -8.29 0.00
N PRO A 80 15.66 -8.14 1.13
CA PRO A 80 14.22 -8.45 1.14
C PRO A 80 13.50 -7.78 0.00
N TRP A 81 12.73 -8.58 -0.76
CA TRP A 81 11.79 -8.04 -1.75
C TRP A 81 10.73 -9.12 -1.96
N SER A 82 9.44 -8.81 -1.73
CA SER A 82 8.45 -9.89 -1.65
C SER A 82 7.34 -9.86 -2.70
N ILE A 83 7.07 -8.73 -3.33
CA ILE A 83 5.99 -8.63 -4.30
C ILE A 83 6.61 -8.43 -5.67
N PRO A 84 6.33 -9.29 -6.65
CA PRO A 84 6.91 -9.10 -7.99
C PRO A 84 6.33 -7.89 -8.71
N ILE A 85 7.22 -7.04 -9.20
CA ILE A 85 6.84 -5.85 -9.97
C ILE A 85 7.24 -6.12 -11.41
N VAL A 86 6.26 -6.52 -12.22
CA VAL A 86 6.51 -7.01 -13.57
C VAL A 86 5.55 -6.39 -14.58
N LEU A 87 6.03 -6.32 -15.81
CA LEU A 87 5.29 -5.86 -16.97
C LEU A 87 5.05 -7.03 -17.91
N ASP A 88 3.79 -7.29 -18.23
CA ASP A 88 3.43 -8.43 -19.05
C ASP A 88 2.91 -7.98 -20.40
N VAL A 89 3.28 -8.71 -21.45
CA VAL A 89 2.73 -8.52 -22.78
C VAL A 89 2.40 -9.88 -23.39
N THR A 90 1.43 -9.89 -24.29
CA THR A 90 1.12 -11.07 -25.06
C THR A 90 2.01 -11.10 -26.29
N GLU A 91 1.92 -12.19 -27.07
CA GLU A 91 2.66 -12.26 -28.32
C GLU A 91 2.25 -11.14 -29.27
N LYS A 92 0.94 -10.86 -29.38
CA LYS A 92 0.48 -9.80 -30.27
C LYS A 92 0.91 -8.41 -29.79
N GLU A 93 0.93 -8.20 -28.48
CA GLU A 93 1.27 -6.90 -27.92
C GLU A 93 2.78 -6.61 -27.99
N LYS A 94 3.56 -7.67 -28.20
CA LYS A 94 5.05 -7.58 -28.19
C LYS A 94 5.58 -7.06 -29.53
N ASN A 95 5.58 -5.73 -29.70
CA ASN A 95 6.11 -5.09 -30.90
C ASN A 95 7.51 -4.54 -30.67
N PHE A 96 8.34 -5.24 -29.91
CA PHE A 96 9.64 -4.72 -29.51
C PHE A 96 10.55 -5.89 -29.19
N GLY A 97 11.84 -5.58 -29.07
CA GLY A 97 12.84 -6.59 -28.78
C GLY A 97 13.71 -6.13 -27.63
N GLU A 98 14.59 -7.03 -27.20
CA GLU A 98 15.53 -6.68 -26.15
C GLU A 98 16.48 -5.60 -26.66
N GLY A 99 16.71 -4.61 -25.83
CA GLY A 99 17.53 -3.48 -26.17
C GLY A 99 16.75 -2.27 -26.65
N ASP A 100 15.50 -2.47 -27.04
CA ASP A 100 14.72 -1.37 -27.56
C ASP A 100 14.31 -0.46 -26.40
N VAL A 101 13.96 0.77 -26.74
CA VAL A 101 13.31 1.70 -25.83
C VAL A 101 11.86 1.80 -26.26
N ILE A 102 10.94 1.53 -25.32
CA ILE A 102 9.51 1.51 -25.59
C ILE A 102 8.83 2.56 -24.72
N LEU A 103 7.61 2.91 -25.09
CA LEU A 103 6.77 3.81 -24.33
C LEU A 103 5.61 3.02 -23.74
N LEU A 104 5.33 3.25 -22.46
CA LEU A 104 4.23 2.56 -21.79
C LEU A 104 3.08 3.52 -21.65
N TYR A 105 1.96 3.19 -22.30
CA TYR A 105 0.80 4.06 -22.37
C TYR A 105 -0.32 3.54 -21.49
N TYR A 106 -0.93 4.43 -20.74
CA TYR A 106 -2.19 4.16 -20.07
C TYR A 106 -3.25 4.96 -20.81
N ASN A 107 -4.13 4.27 -21.53
CA ASN A 107 -5.06 4.89 -22.46
C ASN A 107 -4.23 5.58 -23.53
N ASP A 108 -4.43 6.88 -23.72
CA ASP A 108 -3.69 7.64 -24.75
C ASP A 108 -2.62 8.52 -24.08
N THR A 109 -2.25 8.20 -22.84
CA THR A 109 -1.25 9.01 -22.11
C THR A 109 0.06 8.22 -21.98
N PRO A 110 1.22 8.79 -22.39
CA PRO A 110 2.49 8.08 -22.25
C PRO A 110 2.88 8.25 -20.78
N ILE A 111 3.02 7.14 -20.07
CA ILE A 111 3.31 7.19 -18.61
C ILE A 111 4.82 7.00 -18.36
N ALA A 112 5.49 6.20 -19.19
CA ALA A 112 6.89 5.93 -18.91
C ALA A 112 7.60 5.48 -20.17
N LYS A 113 8.89 5.75 -20.25
CA LYS A 113 9.74 5.09 -21.23
C LYS A 113 10.53 4.00 -20.50
N MET A 114 10.91 2.97 -21.22
CA MET A 114 11.51 1.79 -20.62
C MET A 114 12.60 1.26 -21.53
N GLN A 115 13.78 1.03 -20.94
CA GLN A 115 14.86 0.34 -21.62
C GLN A 115 14.69 -1.15 -21.37
N VAL A 116 14.28 -1.88 -22.40
CA VAL A 116 13.96 -3.30 -22.27
C VAL A 116 15.26 -4.08 -22.20
N ASP A 117 15.56 -4.66 -21.05
CA ASP A 117 16.75 -5.48 -20.87
C ASP A 117 16.53 -6.96 -21.18
N GLU A 118 15.32 -7.47 -20.91
CA GLU A 118 15.07 -8.91 -21.00
C GLU A 118 13.58 -9.15 -21.22
N ILE A 119 13.29 -10.05 -22.15
CA ILE A 119 11.93 -10.54 -22.40
C ILE A 119 11.93 -12.04 -22.13
N TYR A 120 11.13 -12.47 -21.14
CA TYR A 120 11.22 -13.83 -20.66
C TYR A 120 9.84 -14.41 -20.40
N THR A 121 9.80 -15.74 -20.27
CA THR A 121 8.56 -16.44 -19.92
C THR A 121 8.63 -16.95 -18.48
N TYR A 122 7.54 -17.59 -18.06
CA TYR A 122 7.35 -18.00 -16.68
C TYR A 122 6.23 -19.01 -16.65
N ASP A 123 6.17 -19.79 -15.56
CA ASP A 123 5.06 -20.73 -15.34
C ASP A 123 3.98 -20.02 -14.53
N LYS A 124 2.78 -19.88 -15.11
CA LYS A 124 1.73 -19.16 -14.39
C LYS A 124 1.33 -19.89 -13.11
N LYS A 125 1.34 -21.22 -13.11
CA LYS A 125 0.88 -21.94 -11.92
C LYS A 125 1.89 -21.79 -10.79
N GLU A 126 3.18 -21.78 -11.10
CA GLU A 126 4.22 -21.53 -10.10
C GLU A 126 4.13 -20.11 -9.56
N PHE A 127 4.10 -19.12 -10.46
CA PHE A 127 3.87 -17.72 -10.07
C PHE A 127 2.77 -17.67 -9.03
N ALA A 128 1.57 -18.10 -9.41
CA ALA A 128 0.40 -17.99 -8.54
C ALA A 128 0.60 -18.73 -7.22
N LYS A 129 0.98 -20.00 -7.28
CA LYS A 129 1.03 -20.74 -6.03
C LYS A 129 2.07 -20.15 -5.09
N LYS A 130 3.20 -19.67 -5.62
CA LYS A 130 4.28 -19.19 -4.75
C LYS A 130 3.97 -17.82 -4.16
N VAL A 131 3.39 -16.91 -4.95
CA VAL A 131 3.04 -15.60 -4.44
C VAL A 131 1.87 -15.69 -3.47
N PHE A 132 0.81 -16.38 -3.86
CA PHE A 132 -0.43 -16.33 -3.12
C PHE A 132 -0.67 -17.54 -2.23
N LYS A 133 0.24 -18.52 -2.23
CA LYS A 133 0.12 -19.74 -1.43
C LYS A 133 -1.05 -20.63 -1.85
N THR A 134 -1.63 -20.38 -3.01
CA THR A 134 -2.74 -21.18 -3.53
C THR A 134 -2.78 -21.02 -5.03
N ASP A 135 -3.24 -22.06 -5.72
CA ASP A 135 -3.53 -21.96 -7.15
C ASP A 135 -5.02 -22.04 -7.42
N GLU A 136 -5.85 -21.71 -6.43
CA GLU A 136 -7.30 -21.64 -6.60
C GLU A 136 -7.68 -20.40 -7.39
N GLU A 137 -8.40 -20.59 -8.50
CA GLU A 137 -8.79 -19.46 -9.34
C GLU A 137 -9.75 -18.53 -8.62
N ALA A 138 -10.43 -19.02 -7.57
CA ALA A 138 -11.33 -18.17 -6.79
C ALA A 138 -10.59 -17.04 -6.09
N HIS A 139 -9.28 -17.18 -5.88
CA HIS A 139 -8.46 -16.14 -5.26
C HIS A 139 -8.23 -15.02 -6.26
N PRO A 140 -8.58 -13.77 -5.92
CA PRO A 140 -8.46 -12.68 -6.93
C PRO A 140 -7.09 -12.59 -7.56
N GLY A 141 -6.05 -12.75 -6.75
CA GLY A 141 -4.70 -12.61 -7.26
C GLY A 141 -4.30 -13.74 -8.19
N VAL A 142 -4.75 -14.96 -7.89
CA VAL A 142 -4.46 -16.09 -8.80
C VAL A 142 -5.17 -15.85 -10.12
N ALA A 143 -6.39 -15.30 -10.08
CA ALA A 143 -7.13 -15.02 -11.29
C ALA A 143 -6.46 -13.95 -12.13
N LYS A 144 -5.90 -12.94 -11.47
CA LYS A 144 -5.17 -11.88 -12.18
C LYS A 144 -3.83 -12.39 -12.73
N THR A 145 -3.14 -13.27 -11.98
CA THR A 145 -1.93 -13.90 -12.49
C THR A 145 -2.22 -14.70 -13.77
N TYR A 146 -3.30 -15.50 -13.76
CA TYR A 146 -3.64 -16.35 -14.90
C TYR A 146 -4.04 -15.54 -16.13
N ALA A 147 -4.39 -14.27 -15.97
CA ALA A 147 -4.77 -13.42 -17.08
C ALA A 147 -3.61 -12.62 -17.68
N LEU A 148 -2.41 -12.69 -17.12
CA LEU A 148 -1.29 -11.91 -17.61
C LEU A 148 -0.81 -12.40 -18.96
N GLY A 149 -0.13 -11.52 -19.69
CA GLY A 149 0.51 -11.95 -20.93
C GLY A 149 1.61 -12.97 -20.68
N GLU A 150 1.93 -13.72 -21.74
CA GLU A 150 2.85 -14.84 -21.61
CA GLU A 150 2.85 -14.83 -21.59
C GLU A 150 4.27 -14.35 -21.34
N TYR A 151 4.57 -13.11 -21.69
CA TYR A 151 5.92 -12.57 -21.61
C TYR A 151 6.02 -11.48 -20.54
N LEU A 152 7.02 -11.59 -19.68
CA LEU A 152 7.35 -10.50 -18.77
C LEU A 152 8.56 -9.75 -19.32
N VAL A 153 8.65 -8.47 -18.99
CA VAL A 153 9.62 -7.57 -19.58
C VAL A 153 10.34 -6.85 -18.45
N GLY A 154 11.64 -7.05 -18.37
CA GLY A 154 12.44 -6.47 -17.32
C GLY A 154 13.21 -5.30 -17.86
N GLY A 155 13.48 -4.32 -17.00
CA GLY A 155 14.32 -3.19 -17.39
C GLY A 155 13.91 -1.92 -16.68
N GLU A 156 14.78 -0.91 -16.81
CA GLU A 156 14.61 0.33 -16.08
C GLU A 156 13.68 1.28 -16.81
N ILE A 157 12.96 2.08 -16.02
CA ILE A 157 11.97 3.01 -16.56
C ILE A 157 12.36 4.43 -16.17
N GLU A 158 11.73 5.39 -16.86
CA GLU A 158 11.76 6.81 -16.51
C GLU A 158 10.35 7.35 -16.66
N LEU A 159 9.84 8.01 -15.60
CA LEU A 159 8.44 8.41 -15.55
C LEU A 159 8.24 9.72 -16.30
N LEU A 160 7.37 9.70 -17.31
CA LEU A 160 7.08 10.91 -18.12
C LEU A 160 5.79 11.56 -17.62
N ASN A 161 4.74 10.74 -17.54
CA ASN A 161 3.41 11.21 -17.05
C ASN A 161 2.89 10.20 -16.04
N GLU A 162 2.00 10.64 -15.13
CA GLU A 162 1.42 9.75 -14.10
C GLU A 162 -0.10 9.83 -14.22
N VAL A 163 -0.81 8.81 -13.73
CA VAL A 163 -2.30 8.81 -13.82
C VAL A 163 -2.81 10.03 -13.04
N PRO A 164 -3.82 10.77 -13.55
CA PRO A 164 -4.29 11.97 -12.85
C PRO A 164 -4.77 11.58 -11.45
N ASN A 165 -4.33 12.33 -10.43
CA ASN A 165 -4.69 12.03 -9.03
C ASN A 165 -5.50 13.19 -8.45
N PRO A 166 -6.73 12.95 -7.95
CA PRO A 166 -7.54 14.01 -7.34
C PRO A 166 -6.85 14.55 -6.08
N PHE A 167 -6.21 13.66 -5.32
CA PHE A 167 -5.55 14.05 -4.04
C PHE A 167 -4.03 14.18 -4.20
N LYS A 168 -3.53 14.76 -5.31
CA LYS A 168 -2.10 14.99 -5.41
C LYS A 168 -1.59 15.77 -4.22
N SER A 169 -2.41 16.70 -3.71
CA SER A 169 -2.01 17.52 -2.58
C SER A 169 -1.64 16.69 -1.38
N HIS A 170 -2.29 15.52 -1.21
CA HIS A 170 -1.97 14.65 -0.09
C HIS A 170 -0.93 13.59 -0.42
N THR A 171 -0.62 13.38 -1.70
CA THR A 171 0.27 12.31 -2.10
C THR A 171 1.70 12.83 -2.09
N LEU A 172 2.28 12.92 -0.89
CA LEU A 172 3.68 13.29 -0.74
C LEU A 172 4.57 12.08 -1.05
N ARG A 173 5.64 12.32 -1.80
CA ARG A 173 6.54 11.23 -2.12
C ARG A 173 7.58 11.05 -1.01
N PRO A 174 8.28 9.95 -0.97
CA PRO A 174 9.22 9.69 0.13
C PRO A 174 10.23 10.78 0.45
N VAL A 175 10.70 11.53 -0.54
CA VAL A 175 11.66 12.58 -0.23
C VAL A 175 10.98 13.69 0.56
N GLU A 176 9.68 13.90 0.35
CA GLU A 176 8.96 14.94 1.08
C GLU A 176 8.61 14.49 2.49
N THR A 177 8.19 13.24 2.68
CA THR A 177 7.83 12.82 4.03
C THR A 177 9.06 12.71 4.91
N ARG A 178 10.18 12.33 4.34
CA ARG A 178 11.41 12.31 5.11
C ARG A 178 11.77 13.70 5.59
N ALA A 179 11.69 14.68 4.70
CA ALA A 179 12.05 16.03 5.11
C ALA A 179 11.05 16.58 6.12
N LEU A 180 9.79 16.16 6.02
CA LEU A 180 8.78 16.58 6.99
C LEU A 180 9.06 16.00 8.37
N PHE A 181 9.41 14.71 8.43
CA PHE A 181 9.80 14.10 9.71
C PHE A 181 10.96 14.86 10.33
N LYS A 182 11.95 15.22 9.51
CA LYS A 182 13.16 15.88 10.02
C LYS A 182 12.87 17.29 10.52
N GLU A 183 11.97 17.99 9.82
CA GLU A 183 11.60 19.34 10.24
C GLU A 183 10.94 19.33 11.60
N LYS A 184 10.10 18.33 11.87
CA LYS A 184 9.43 18.23 13.17
C LYS A 184 10.28 17.59 14.26
N GLY A 185 11.51 17.18 13.94
CA GLY A 185 12.35 16.56 14.93
C GLY A 185 11.99 15.14 15.29
N TRP A 186 11.25 14.43 14.45
CA TRP A 186 10.91 13.04 14.74
C TRP A 186 12.07 12.15 14.33
N GLU A 187 12.60 11.37 15.27
CA GLU A 187 13.58 10.35 14.95
C GLU A 187 12.97 8.99 14.74
N THR A 188 11.90 8.67 15.48
CA THR A 188 11.15 7.46 15.24
C THR A 188 9.76 7.80 14.75
N ILE A 189 9.29 7.04 13.76
CA ILE A 189 8.01 7.30 13.13
C ILE A 189 7.32 5.96 12.92
N VAL A 190 6.02 5.90 13.23
CA VAL A 190 5.24 4.68 13.09
C VAL A 190 4.22 4.87 11.97
N ALA A 191 4.19 3.94 11.04
CA ALA A 191 3.24 3.96 9.95
C ALA A 191 1.97 3.24 10.35
N PHE A 192 0.83 3.84 10.06
CA PHE A 192 -0.45 3.19 10.23
C PHE A 192 -1.19 3.26 8.89
N GLN A 193 -1.42 2.10 8.30
CA GLN A 193 -2.00 1.98 6.97
C GLN A 193 -3.49 1.72 7.11
N THR A 194 -4.28 2.33 6.23
CA THR A 194 -5.72 2.18 6.32
C THR A 194 -6.36 2.41 4.95
N ARG A 195 -7.61 1.95 4.85
CA ARG A 195 -8.46 2.28 3.71
C ARG A 195 -9.88 2.57 4.19
N ASN A 196 -10.02 3.01 5.45
CA ASN A 196 -11.32 3.28 6.06
C ASN A 196 -11.24 4.46 7.02
N VAL A 197 -12.41 4.96 7.40
CA VAL A 197 -12.50 6.07 8.35
C VAL A 197 -12.02 5.59 9.72
N PRO A 198 -11.50 6.49 10.56
CA PRO A 198 -10.99 6.07 11.87
C PRO A 198 -12.12 5.78 12.84
N HIS A 199 -11.96 4.68 13.56
CA HIS A 199 -12.83 4.32 14.70
C HIS A 199 -11.98 4.46 15.99
N LEU A 200 -12.58 4.27 17.16
CA LEU A 200 -11.77 4.47 18.40
C LEU A 200 -10.60 3.48 18.46
N GLY A 201 -10.81 2.22 18.04
CA GLY A 201 -9.72 1.24 18.04
C GLY A 201 -8.49 1.77 17.32
N HIS A 202 -8.70 2.39 16.15
CA HIS A 202 -7.57 2.95 15.35
C HIS A 202 -6.83 4.00 16.20
N GLU A 203 -7.58 4.95 16.74
CA GLU A 203 -7.01 6.01 17.59
C GLU A 203 -6.27 5.41 18.78
N TYR A 204 -6.83 4.38 19.39
CA TYR A 204 -6.18 3.75 20.53
C TYR A 204 -4.80 3.25 20.15
N LEU A 205 -4.68 2.54 19.04
CA LEU A 205 -3.38 2.03 18.64
C LEU A 205 -2.41 3.17 18.33
N GLN A 206 -2.89 4.21 17.65
CA GLN A 206 -1.98 5.26 17.22
C GLN A 206 -1.45 6.03 18.42
N LYS A 207 -2.32 6.32 19.39
CA LYS A 207 -1.90 7.04 20.59
C LYS A 207 -1.14 6.14 21.55
N LEU A 208 -1.32 4.83 21.40
CA LEU A 208 -0.57 3.85 22.22
C LEU A 208 0.89 3.84 21.72
N ALA A 209 1.05 3.94 20.39
CA ALA A 209 2.38 3.97 19.73
C ALA A 209 3.09 5.28 20.11
N LEU A 210 2.32 6.36 20.30
CA LEU A 210 2.85 7.72 20.65
C LEU A 210 3.70 7.70 21.94
N THR A 211 3.47 6.70 22.78
CA THR A 211 4.18 6.54 24.08
C THR A 211 5.65 6.15 23.84
N PHE A 212 5.91 5.35 22.80
CA PHE A 212 7.28 4.87 22.51
C PHE A 212 7.82 5.37 21.16
N VAL A 213 7.06 6.15 20.39
CA VAL A 213 7.56 6.69 19.09
C VAL A 213 7.26 8.19 19.02
N ASP A 214 8.09 8.95 18.31
CA ASP A 214 7.93 10.43 18.24
C ASP A 214 6.67 10.85 17.48
N GLY A 215 6.31 10.15 16.40
CA GLY A 215 5.20 10.63 15.60
C GLY A 215 4.51 9.50 14.87
N VAL A 216 3.31 9.81 14.38
CA VAL A 216 2.48 8.87 13.67
C VAL A 216 2.27 9.37 12.26
N PHE A 217 2.42 8.46 11.29
CA PHE A 217 2.30 8.70 9.86
C PHE A 217 1.12 7.84 9.41
N VAL A 218 -0.05 8.46 9.29
CA VAL A 218 -1.25 7.76 8.81
C VAL A 218 -1.28 7.83 7.29
N ASN A 219 -1.41 6.67 6.67
CA ASN A 219 -1.07 6.49 5.26
C ASN A 219 -2.24 5.79 4.59
N PRO A 220 -3.29 6.50 4.25
CA PRO A 220 -4.39 5.86 3.52
C PRO A 220 -3.91 5.46 2.14
N VAL A 221 -4.31 4.28 1.72
CA VAL A 221 -3.98 3.75 0.41
C VAL A 221 -5.12 4.08 -0.57
N ILE A 222 -4.78 4.73 -1.68
CA ILE A 222 -5.76 4.96 -2.75
C ILE A 222 -5.67 3.85 -3.80
N GLY A 223 -6.79 3.15 -3.99
CA GLY A 223 -6.85 2.05 -4.91
C GLY A 223 -8.25 1.83 -5.44
N LYS A 224 -8.44 0.69 -6.10
CA LYS A 224 -9.75 0.33 -6.61
C LYS A 224 -10.74 0.26 -5.46
N LYS A 225 -11.97 0.65 -5.75
CA LYS A 225 -13.03 0.75 -4.74
C LYS A 225 -14.11 -0.24 -5.10
N LYS A 226 -14.44 -1.12 -4.16
CA LYS A 226 -15.65 -1.93 -4.30
C LYS A 226 -16.86 -1.03 -4.05
N LYS A 227 -17.98 -1.38 -4.66
CA LYS A 227 -19.21 -0.67 -4.32
C LYS A 227 -19.50 -0.92 -2.84
N GLY A 228 -19.74 0.17 -2.09
CA GLY A 228 -19.98 0.11 -0.67
C GLY A 228 -18.89 0.72 0.19
N ASP A 229 -17.68 0.86 -0.35
CA ASP A 229 -16.60 1.47 0.39
C ASP A 229 -16.88 2.96 0.60
N TYR A 230 -16.20 3.52 1.61
CA TYR A 230 -16.18 4.95 1.77
C TYR A 230 -15.40 5.60 0.61
N LYS A 231 -15.91 6.71 0.11
CA LYS A 231 -15.12 7.50 -0.82
C LYS A 231 -13.83 7.94 -0.11
N ASP A 232 -12.75 8.03 -0.90
CA ASP A 232 -11.46 8.42 -0.35
C ASP A 232 -11.50 9.83 0.22
N GLU A 233 -12.19 10.75 -0.45
CA GLU A 233 -12.43 12.07 0.12
C GLU A 233 -12.97 11.97 1.55
N VAL A 234 -13.86 11.01 1.81
CA VAL A 234 -14.46 10.89 3.12
C VAL A 234 -13.43 10.44 4.13
N ILE A 235 -12.62 9.46 3.77
CA ILE A 235 -11.58 8.99 4.68
C ILE A 235 -10.65 10.14 5.02
N LEU A 236 -10.26 10.92 4.01
CA LEU A 236 -9.33 12.00 4.29
C LEU A 236 -9.95 13.05 5.20
N LYS A 237 -11.15 13.53 4.86
CA LYS A 237 -11.77 14.55 5.71
C LYS A 237 -12.03 14.03 7.12
N ALA A 238 -12.45 12.77 7.25
CA ALA A 238 -12.72 12.22 8.58
C ALA A 238 -11.47 12.24 9.43
N TYR A 239 -10.34 11.87 8.84
CA TYR A 239 -9.04 11.84 9.55
C TYR A 239 -8.60 13.26 9.90
N GLU A 240 -8.89 14.20 9.01
CA GLU A 240 -8.54 15.63 9.26
C GLU A 240 -9.36 16.11 10.47
N THR A 241 -10.63 15.70 10.56
CA THR A 241 -11.50 16.05 11.71
C THR A 241 -10.95 15.38 12.98
N LEU A 242 -10.58 14.10 12.89
CA LEU A 242 -10.04 13.41 14.05
C LEU A 242 -8.82 14.13 14.60
N PHE A 243 -7.86 14.46 13.75
CA PHE A 243 -6.63 15.06 14.21
C PHE A 243 -6.88 16.42 14.81
N GLU A 244 -7.72 17.22 14.15
CA GLU A 244 -8.01 18.55 14.67
C GLU A 244 -8.57 18.48 16.06
N HIS A 245 -9.46 17.52 16.32
CA HIS A 245 -10.25 17.52 17.53
C HIS A 245 -9.69 16.65 18.63
N TYR A 246 -8.81 15.70 18.32
CA TYR A 246 -8.37 14.76 19.32
C TYR A 246 -6.87 14.52 19.39
N TYR A 247 -6.08 15.13 18.53
CA TYR A 247 -4.66 14.89 18.56
C TYR A 247 -3.86 16.16 18.79
N PRO A 248 -2.81 16.12 19.60
CA PRO A 248 -1.91 17.27 19.69
C PRO A 248 -1.24 17.48 18.34
N LYS A 249 -0.76 18.69 18.12
CA LYS A 249 -0.55 19.12 16.74
C LYS A 249 0.71 18.53 16.13
N ASP A 250 1.73 18.23 16.93
CA ASP A 250 2.98 17.75 16.36
C ASP A 250 3.20 16.26 16.60
N THR A 251 2.12 15.49 16.50
CA THR A 251 2.20 14.06 16.64
C THR A 251 1.77 13.29 15.39
N ASP A 252 1.24 13.95 14.39
CA ASP A 252 0.60 13.22 13.31
C ASP A 252 0.87 13.88 11.98
N ILE A 253 0.98 13.01 10.97
CA ILE A 253 1.23 13.37 9.53
C ILE A 253 0.34 12.45 8.70
N LEU A 254 -0.45 13.03 7.79
CA LEU A 254 -1.41 12.28 6.97
C LEU A 254 -1.08 12.50 5.50
N ALA A 255 -0.64 11.43 4.82
CA ALA A 255 -0.36 11.50 3.40
C ALA A 255 -0.78 10.20 2.74
N THR A 256 -1.27 10.31 1.52
CA THR A 256 -1.76 9.15 0.79
C THR A 256 -0.67 8.50 -0.06
N VAL A 257 -0.89 7.24 -0.39
CA VAL A 257 -0.08 6.58 -1.40
C VAL A 257 -1.02 5.76 -2.27
N ARG A 258 -0.73 5.75 -3.58
CA ARG A 258 -1.52 4.98 -4.59
C ARG A 258 -0.86 3.61 -4.78
N TYR A 259 -1.66 2.53 -4.68
CA TYR A 259 -1.15 1.17 -4.71
C TYR A 259 -2.31 0.19 -4.88
N GLU A 260 -2.17 -0.67 -5.88
CA GLU A 260 -3.19 -1.72 -6.18
C GLU A 260 -2.85 -2.95 -5.35
N MET A 261 -3.69 -3.30 -4.39
CA MET A 261 -3.46 -4.48 -3.50
C MET A 261 -3.46 -5.76 -4.33
N ARG A 262 -2.51 -6.65 -4.07
CA ARG A 262 -2.41 -7.96 -4.78
C ARG A 262 -3.08 -9.03 -3.92
N TYR A 263 -3.45 -8.69 -2.69
CA TYR A 263 -4.10 -9.64 -1.75
C TYR A 263 -3.24 -10.89 -1.62
N ALA A 264 -1.94 -10.67 -1.38
CA ALA A 264 -0.94 -11.76 -1.23
C ALA A 264 -0.75 -12.15 0.25
N GLY A 265 -1.52 -11.55 1.16
CA GLY A 265 -1.46 -11.91 2.56
C GLY A 265 -0.18 -11.50 3.23
N PRO A 266 0.49 -12.47 3.85
CA PRO A 266 1.74 -12.13 4.57
C PRO A 266 2.86 -11.65 3.67
N ARG A 267 2.90 -12.18 2.44
CA ARG A 267 3.92 -11.77 1.45
C ARG A 267 3.74 -10.27 1.16
N GLU A 268 2.51 -9.76 1.28
CA GLU A 268 2.27 -8.34 1.01
C GLU A 268 2.53 -7.47 2.21
N ALA A 269 2.46 -8.01 3.43
CA ALA A 269 2.76 -7.21 4.60
C ALA A 269 4.23 -6.80 4.59
N ILE A 270 5.11 -7.67 4.10
CA ILE A 270 6.51 -7.31 3.99
C ILE A 270 6.68 -6.19 2.99
N HIS A 271 5.95 -6.26 1.89
CA HIS A 271 6.00 -5.20 0.89
C HIS A 271 5.55 -3.87 1.47
N HIS A 272 4.43 -3.88 2.21
CA HIS A 272 3.95 -2.66 2.83
C HIS A 272 4.95 -2.11 3.82
N ALA A 273 5.69 -2.95 4.51
CA ALA A 273 6.68 -2.43 5.44
C ALA A 273 7.84 -1.77 4.69
N ILE A 274 8.24 -2.38 3.59
CA ILE A 274 9.29 -1.81 2.75
C ILE A 274 8.86 -0.47 2.18
N MET A 275 7.60 -0.34 1.75
CA MET A 275 7.15 0.95 1.26
C MET A 275 7.17 1.99 2.37
N ARG A 276 6.76 1.61 3.56
CA ARG A 276 6.73 2.58 4.64
C ARG A 276 8.14 2.94 5.08
N LYS A 277 9.05 1.97 5.09
CA LYS A 277 10.45 2.29 5.35
C LYS A 277 10.96 3.34 4.38
N ASN A 278 10.60 3.19 3.10
CA ASN A 278 11.08 4.15 2.10
C ASN A 278 10.52 5.53 2.34
N PHE A 279 9.33 5.63 2.91
CA PHE A 279 8.77 6.92 3.32
C PHE A 279 9.48 7.54 4.51
N GLY A 280 10.34 6.78 5.20
CA GLY A 280 11.03 7.31 6.35
C GLY A 280 10.62 6.71 7.68
N CYS A 281 9.76 5.72 7.70
CA CYS A 281 9.28 5.18 8.95
C CYS A 281 10.28 4.21 9.58
N THR A 282 10.25 4.17 10.91
CA THR A 282 11.05 3.26 11.70
C THR A 282 10.23 2.08 12.23
N HIS A 283 8.91 2.24 12.25
CA HIS A 283 8.00 1.28 12.87
C HIS A 283 6.75 1.13 12.00
N PHE A 284 6.14 -0.04 12.04
CA PHE A 284 5.02 -0.36 11.16
C PHE A 284 4.00 -1.19 11.94
N ILE A 285 2.84 -0.60 12.21
CA ILE A 285 1.77 -1.33 12.88
C ILE A 285 1.21 -2.40 11.93
N VAL A 286 1.06 -3.63 12.44
CA VAL A 286 0.47 -4.71 11.68
C VAL A 286 -0.69 -5.28 12.47
N GLY A 287 -1.86 -5.32 11.85
CA GLY A 287 -3.05 -5.86 12.44
C GLY A 287 -3.31 -7.27 11.99
N ARG A 288 -4.52 -7.75 12.26
CA ARG A 288 -4.90 -9.16 11.90
C ARG A 288 -5.40 -9.24 10.46
N ASP A 289 -5.12 -10.36 9.78
CA ASP A 289 -5.56 -10.60 8.37
C ASP A 289 -5.08 -9.43 7.49
N HIS A 290 -3.82 -9.03 7.63
CA HIS A 290 -3.30 -7.87 6.85
C HIS A 290 -3.07 -8.26 5.38
N ALA A 291 -3.76 -7.57 4.47
CA ALA A 291 -3.66 -7.77 3.01
C ALA A 291 -3.92 -9.24 2.64
N GLY A 292 -4.73 -9.93 3.45
CA GLY A 292 -5.07 -11.34 3.17
C GLY A 292 -6.51 -11.43 2.69
N VAL A 293 -6.82 -12.52 1.97
CA VAL A 293 -8.19 -12.78 1.48
C VAL A 293 -8.73 -13.93 2.34
N GLY A 294 -9.91 -13.73 2.96
CA GLY A 294 -10.55 -14.74 3.82
C GLY A 294 -10.50 -16.16 3.27
N ASP A 295 -10.13 -17.11 4.14
CA ASP A 295 -10.01 -18.58 3.88
C ASP A 295 -8.77 -18.89 3.04
N TYR A 296 -7.68 -18.14 3.23
CA TYR A 296 -6.41 -18.38 2.48
C TYR A 296 -5.24 -18.16 3.44
N TYR A 297 -5.31 -17.07 4.22
CA TYR A 297 -4.23 -16.72 5.19
C TYR A 297 -4.80 -16.58 6.61
N GLY A 298 -4.00 -17.00 7.60
CA GLY A 298 -4.36 -16.91 9.02
C GLY A 298 -4.33 -15.47 9.51
N PRO A 299 -5.05 -15.13 10.61
CA PRO A 299 -5.09 -13.75 11.10
C PRO A 299 -3.72 -13.23 11.53
N TYR A 300 -2.92 -14.08 12.18
CA TYR A 300 -1.57 -13.68 12.67
C TYR A 300 -0.47 -14.08 11.66
N GLU A 301 -0.85 -14.67 10.53
CA GLU A 301 0.15 -15.10 9.52
C GLU A 301 1.01 -13.91 9.08
N ALA A 302 0.39 -12.76 8.82
CA ALA A 302 1.11 -11.56 8.40
C ALA A 302 1.99 -10.96 9.50
N GLN A 303 1.83 -11.39 10.76
CA GLN A 303 2.76 -11.02 11.81
C GLN A 303 3.93 -12.00 11.86
N GLU A 304 3.65 -13.30 11.68
CA GLU A 304 4.65 -14.33 11.84
C GLU A 304 5.74 -14.28 10.78
N ILE A 305 5.44 -13.68 9.63
CA ILE A 305 6.40 -13.70 8.54
C ILE A 305 7.59 -12.80 8.81
N PHE A 306 7.46 -11.82 9.69
CA PHE A 306 8.58 -10.93 9.96
C PHE A 306 9.71 -11.63 10.66
N GLN A 307 9.44 -12.79 11.27
CA GLN A 307 10.51 -13.59 11.85
C GLN A 307 11.55 -13.98 10.82
N ASN A 308 11.15 -14.08 9.55
CA ASN A 308 12.10 -14.48 8.51
C ASN A 308 12.81 -13.27 7.90
N PHE A 309 12.63 -12.08 8.47
CA PHE A 309 13.25 -10.85 7.98
C PHE A 309 13.79 -10.01 9.13
N PRO A 310 14.77 -10.56 9.85
CA PRO A 310 15.41 -9.77 10.92
C PRO A 310 16.11 -8.56 10.40
N ASP A 311 16.58 -8.63 9.15
CA ASP A 311 17.36 -7.60 8.49
C ASP A 311 16.49 -6.50 7.87
N LEU A 312 15.20 -6.45 8.19
CA LEU A 312 14.31 -5.56 7.45
C LEU A 312 14.52 -4.11 7.82
N GLU A 313 15.02 -3.83 9.02
CA GLU A 313 15.39 -2.51 9.51
C GLU A 313 14.20 -1.58 9.56
N ILE A 314 13.01 -2.11 9.67
CA ILE A 314 11.85 -1.35 10.12
C ILE A 314 11.12 -2.24 11.10
N SER A 315 10.69 -1.68 12.23
CA SER A 315 10.26 -2.51 13.34
C SER A 315 8.76 -2.73 13.26
N PRO A 316 8.29 -3.96 13.06
CA PRO A 316 6.85 -4.19 13.10
C PRO A 316 6.35 -4.15 14.54
N ILE A 317 5.12 -3.64 14.72
CA ILE A 317 4.50 -3.52 16.03
C ILE A 317 3.23 -4.35 16.05
N PHE A 318 3.16 -5.31 16.96
CA PHE A 318 1.99 -6.16 17.10
C PHE A 318 1.36 -5.85 18.44
N PHE A 319 0.06 -5.63 18.43
CA PHE A 319 -0.66 -5.27 19.63
C PHE A 319 -1.52 -6.43 20.07
N ARG A 320 -1.69 -6.56 21.37
CA ARG A 320 -2.53 -7.60 21.88
C ARG A 320 -4.00 -7.23 21.70
N GLU A 321 -4.87 -8.23 21.85
CA GLU A 321 -6.30 -8.01 21.64
C GLU A 321 -6.83 -7.04 22.68
N PHE A 322 -7.82 -6.23 22.29
CA PHE A 322 -8.46 -5.25 23.20
C PHE A 322 -9.91 -5.02 22.77
N TYR A 323 -10.73 -4.43 23.63
CA TYR A 323 -12.15 -4.20 23.25
C TYR A 323 -12.73 -3.13 24.17
N TYR A 324 -13.74 -2.41 23.69
CA TYR A 324 -14.40 -1.43 24.58
C TYR A 324 -15.31 -2.20 25.53
N CYS A 325 -15.30 -1.85 26.81
CA CYS A 325 -16.19 -2.53 27.77
C CYS A 325 -17.23 -1.54 28.26
N LYS A 326 -18.51 -1.90 28.17
CA LYS A 326 -19.58 -0.98 28.53
C LYS A 326 -19.90 -0.99 30.02
N LYS A 327 -19.21 -1.78 30.82
CA LYS A 327 -19.26 -1.59 32.27
C LYS A 327 -17.99 -0.96 32.83
N CYS A 328 -16.82 -1.38 32.36
CA CYS A 328 -15.60 -0.64 32.69
C CYS A 328 -15.65 0.76 32.09
N ASN A 329 -16.41 0.95 31.00
CA ASN A 329 -16.49 2.25 30.30
C ASN A 329 -15.13 2.68 29.75
N ALA A 330 -14.45 1.74 29.11
CA ALA A 330 -13.07 2.00 28.72
C ALA A 330 -12.63 0.91 27.76
N ILE A 331 -11.62 1.25 26.95
CA ILE A 331 -10.94 0.22 26.17
C ILE A 331 -10.10 -0.59 27.13
N VAL A 332 -10.32 -1.90 27.16
CA VAL A 332 -9.68 -2.75 28.15
C VAL A 332 -9.19 -4.01 27.46
N HIS A 333 -8.70 -4.96 28.26
CA HIS A 333 -8.29 -6.29 27.76
C HIS A 333 -8.78 -7.37 28.74
N ASP A 334 -8.75 -8.65 28.34
CA ASP A 334 -9.25 -9.76 29.18
C ASP A 334 -8.56 -9.80 30.55
N ARG A 335 -7.24 -9.56 30.59
CA ARG A 335 -6.46 -9.64 31.84
C ARG A 335 -7.00 -8.70 32.93
N ILE A 336 -7.60 -7.56 32.56
CA ILE A 336 -8.03 -6.59 33.59
C ILE A 336 -9.55 -6.39 33.62
N CYS A 337 -10.31 -7.06 32.77
CA CYS A 337 -11.74 -6.93 32.73
C CYS A 337 -12.38 -8.29 32.89
N PRO A 338 -13.28 -8.45 33.87
CA PRO A 338 -13.92 -9.76 34.10
C PRO A 338 -15.31 -9.90 33.53
N HIS A 339 -15.77 -8.96 32.71
CA HIS A 339 -17.16 -8.88 32.33
C HIS A 339 -17.49 -9.74 31.12
N THR A 340 -18.75 -10.14 31.08
CA THR A 340 -19.20 -11.12 30.12
C THR A 340 -19.47 -10.47 28.77
N SER A 341 -19.79 -11.31 27.78
CA SER A 341 -19.66 -10.91 26.37
C SER A 341 -20.60 -9.77 25.96
N GLU A 342 -21.70 -9.55 26.67
CA GLU A 342 -22.63 -8.51 26.24
C GLU A 342 -22.11 -7.11 26.55
N TYR A 343 -21.19 -6.99 27.48
CA TYR A 343 -20.55 -5.72 27.78
C TYR A 343 -19.40 -5.39 26.83
N ARG A 344 -18.93 -6.35 26.03
CA ARG A 344 -17.74 -6.21 25.22
C ARG A 344 -18.11 -5.81 23.81
N GLU A 345 -17.40 -4.83 23.29
CA GLU A 345 -17.58 -4.38 21.92
C GLU A 345 -16.21 -4.45 21.26
N HIS A 346 -16.04 -5.38 20.35
CA HIS A 346 -14.84 -5.46 19.53
C HIS A 346 -14.98 -4.53 18.34
N PHE A 347 -13.89 -3.86 17.99
CA PHE A 347 -13.91 -2.85 16.94
C PHE A 347 -13.85 -3.54 15.59
N SER A 348 -14.78 -3.15 14.71
CA SER A 348 -14.85 -3.73 13.34
C SER A 348 -15.17 -2.62 12.34
N GLY A 349 -14.16 -2.17 11.60
CA GLY A 349 -14.37 -1.09 10.61
C GLY A 349 -15.54 -1.44 9.70
N THR A 350 -15.76 -2.74 9.47
CA THR A 350 -16.83 -3.15 8.58
C THR A 350 -18.20 -3.01 9.25
N LYS A 351 -18.31 -3.46 10.50
CA LYS A 351 -19.58 -3.31 11.19
C LYS A 351 -19.96 -1.85 11.33
N ILE A 352 -18.98 -0.98 11.59
CA ILE A 352 -19.28 0.43 11.76
C ILE A 352 -19.71 1.05 10.44
N ARG A 353 -19.09 0.64 9.33
CA ARG A 353 -19.51 1.11 8.01
C ARG A 353 -20.93 0.67 7.69
N ASN A 354 -21.24 -0.60 7.91
CA ASN A 354 -22.58 -1.08 7.63
C ASN A 354 -23.63 -0.35 8.45
N MET A 355 -23.29 0.01 9.68
CA MET A 355 -24.17 0.85 10.48
C MET A 355 -24.56 2.11 9.72
N ILE A 356 -23.55 2.83 9.22
CA ILE A 356 -23.81 4.10 8.55
C ILE A 356 -24.58 3.89 7.25
N VAL A 357 -24.23 2.83 6.52
CA VAL A 357 -24.98 2.46 5.34
C VAL A 357 -26.45 2.17 5.66
N ASN A 358 -26.72 1.58 6.84
CA ASN A 358 -28.08 1.21 7.21
CA ASN A 358 -28.06 1.20 7.24
C ASN A 358 -28.82 2.34 7.91
N GLY A 359 -28.22 3.53 7.97
CA GLY A 359 -28.87 4.69 8.55
C GLY A 359 -28.80 4.79 10.05
N GLU A 360 -27.83 4.13 10.68
CA GLU A 360 -27.68 4.06 12.12
C GLU A 360 -26.56 4.98 12.57
N LEU A 361 -26.63 5.43 13.82
CA LEU A 361 -25.63 6.26 14.44
C LEU A 361 -24.68 5.39 15.24
N PRO A 362 -23.39 5.37 14.93
CA PRO A 362 -22.47 4.59 15.73
C PRO A 362 -22.36 5.20 17.11
N PRO A 363 -22.44 4.38 18.14
CA PRO A 363 -22.09 4.87 19.48
C PRO A 363 -20.73 5.55 19.47
N GLU A 364 -20.56 6.48 20.40
CA GLU A 364 -19.33 7.25 20.48
C GLU A 364 -18.16 6.47 21.07
N TYR A 365 -18.39 5.27 21.58
CA TYR A 365 -17.30 4.36 21.91
C TYR A 365 -16.79 3.63 20.67
N PHE A 366 -17.49 3.79 19.54
CA PHE A 366 -17.02 3.36 18.23
C PHE A 366 -16.50 4.51 17.37
N MET A 367 -17.12 5.69 17.45
CA MET A 367 -16.81 6.74 16.49
C MET A 367 -17.00 8.12 17.12
N ARG A 368 -15.94 8.93 17.05
CA ARG A 368 -15.95 10.31 17.61
C ARG A 368 -17.10 11.08 16.96
N LYS A 369 -17.91 11.77 17.78
CA LYS A 369 -19.05 12.55 17.32
C LYS A 369 -18.70 13.37 16.10
N GLU A 370 -17.58 14.09 16.16
CA GLU A 370 -17.19 15.00 15.11
C GLU A 370 -16.81 14.27 13.84
N VAL A 371 -16.24 13.07 13.98
CA VAL A 371 -15.95 12.26 12.81
C VAL A 371 -17.23 11.81 12.15
N TYR A 372 -18.21 11.35 12.94
CA TYR A 372 -19.48 11.01 12.32
C TYR A 372 -20.07 12.20 11.58
N GLU A 373 -20.02 13.40 12.18
CA GLU A 373 -20.65 14.57 11.56
C GLU A 373 -19.97 14.94 10.27
N THR A 374 -18.67 14.69 10.17
CA THR A 374 -17.96 14.94 8.93
C THR A 374 -18.41 13.97 7.84
N ILE A 375 -18.53 12.68 8.18
CA ILE A 375 -18.98 11.70 7.20
C ILE A 375 -20.37 12.06 6.70
N ARG A 376 -21.25 12.38 7.64
CA ARG A 376 -22.63 12.72 7.34
C ARG A 376 -22.73 14.02 6.54
N SER A 377 -21.69 14.85 6.56
CA SER A 377 -21.72 16.10 5.80
C SER A 377 -21.65 15.87 4.29
N PHE A 378 -21.28 14.68 3.84
CA PHE A 378 -21.31 14.32 2.43
C PHE A 378 -22.70 13.79 2.09
N GLU A 379 -23.23 14.20 0.94
CA GLU A 379 -24.57 13.73 0.58
C GLU A 379 -24.55 12.21 0.37
N ASN A 380 -23.47 11.66 -0.20
CA ASN A 380 -23.27 10.22 -0.30
C ASN A 380 -21.80 9.92 -0.02
N PRO A 381 -21.48 9.34 1.14
CA PRO A 381 -20.07 9.09 1.45
C PRO A 381 -19.52 7.79 0.89
N PHE A 382 -20.29 7.07 0.09
CA PHE A 382 -19.93 5.74 -0.36
C PHE A 382 -19.85 5.72 -1.88
N VAL A 383 -19.01 4.84 -2.41
CA VAL A 383 -18.82 4.70 -3.88
C VAL A 383 -20.02 3.94 -4.46
N ASP A 384 -20.58 4.42 -5.57
CA ASP A 384 -21.75 3.75 -6.20
C ASP A 384 -21.26 2.67 -7.18
N GLU A 385 -20.02 2.81 -7.67
CA GLU A 385 -19.43 1.84 -8.63
C GLU A 385 -18.32 1.05 -7.93
#